data_9HYE
#
_entry.id   9HYE
#
_cell.length_a   34.917
_cell.length_b   80.706
_cell.length_c   52.179
_cell.angle_alpha   90.000
_cell.angle_beta   105.250
_cell.angle_gamma   90.000
#
_symmetry.space_group_name_H-M   'P 1 21 1'
#
loop_
_entity.id
_entity.type
_entity.pdbx_description
1 polymer 'C-type lectin domain family 4 member K'
2 non-polymer 'CHLORIDE ION'
3 water water
#
_entity_poly.entity_id   1
_entity_poly.type   'polypeptide(L)'
_entity_poly.pdbx_seq_one_letter_code
;SHMQSDILEMVARGWKYFSGNFYYFSRTPKTWYSAEQFCISRKAHLTSVSSESEQKFLYKAADGIPHWIGLTKAGSEGDW
YWVDQTSFNKEQSRRFWIPGEPNNAGNNEHCANIRVSALKSWNDGPCDNTFLFICKRPYVQTTEGTWSHPQFEK
;
_entity_poly.pdbx_strand_id   A,B
#
loop_
_chem_comp.id
_chem_comp.type
_chem_comp.name
_chem_comp.formula
CL non-polymer 'CHLORIDE ION' 'Cl -1'
#
# COMPACT_ATOMS: atom_id res chain seq x y z
N SER A 1 20.09 -27.30 -7.00
CA SER A 1 19.86 -27.83 -5.65
C SER A 1 18.78 -27.03 -4.92
N HIS A 2 19.20 -26.17 -3.99
CA HIS A 2 18.25 -25.31 -3.30
C HIS A 2 17.53 -24.36 -4.25
N MET A 3 18.13 -24.07 -5.40
CA MET A 3 17.51 -23.14 -6.34
C MET A 3 16.20 -23.70 -6.88
N GLN A 4 16.21 -24.99 -7.27
CA GLN A 4 14.99 -25.58 -7.80
C GLN A 4 13.94 -25.78 -6.71
N SER A 5 14.36 -26.05 -5.47
N SER A 5 14.38 -26.06 -5.48
CA SER A 5 13.34 -26.14 -4.43
CA SER A 5 13.43 -26.14 -4.37
C SER A 5 12.79 -24.77 -4.04
C SER A 5 12.81 -24.78 -4.07
N ASP A 6 13.63 -23.73 -4.10
CA ASP A 6 13.13 -22.36 -3.93
C ASP A 6 12.06 -22.03 -4.96
N ILE A 7 12.34 -22.30 -6.23
CA ILE A 7 11.36 -21.98 -7.28
C ILE A 7 10.11 -22.80 -7.07
N LEU A 8 10.28 -24.10 -6.75
CA LEU A 8 9.08 -24.93 -6.61
C LEU A 8 8.27 -24.48 -5.41
N GLU A 9 8.91 -23.93 -4.38
CA GLU A 9 8.14 -23.47 -3.23
C GLU A 9 7.19 -22.34 -3.61
N MET A 10 7.64 -21.39 -4.43
CA MET A 10 6.78 -20.29 -4.84
C MET A 10 5.72 -20.77 -5.85
N VAL A 11 6.10 -21.69 -6.72
CA VAL A 11 5.13 -22.21 -7.68
C VAL A 11 3.97 -22.89 -6.95
N ALA A 12 4.28 -23.64 -5.89
CA ALA A 12 3.22 -24.30 -5.12
C ALA A 12 2.34 -23.30 -4.38
N ARG A 13 2.83 -22.08 -4.14
N ARG A 13 2.86 -22.09 -4.15
CA ARG A 13 1.98 -21.05 -3.55
CA ARG A 13 2.11 -20.97 -3.58
C ARG A 13 1.11 -20.37 -4.58
C ARG A 13 1.42 -20.13 -4.64
N GLY A 14 1.31 -20.65 -5.86
CA GLY A 14 0.53 -20.05 -6.91
C GLY A 14 1.23 -18.94 -7.70
N TRP A 15 2.55 -18.86 -7.63
CA TRP A 15 3.31 -17.89 -8.41
C TRP A 15 3.80 -18.55 -9.69
N LYS A 16 4.00 -17.73 -10.71
CA LYS A 16 4.70 -18.13 -11.92
C LYS A 16 6.15 -17.73 -11.75
N TYR A 17 7.05 -18.53 -12.28
CA TYR A 17 8.45 -18.16 -12.32
C TYR A 17 8.83 -17.83 -13.77
N PHE A 18 9.38 -16.63 -13.95
CA PHE A 18 9.84 -16.22 -15.28
C PHE A 18 11.07 -15.33 -15.18
N SER A 19 12.16 -15.80 -15.79
CA SER A 19 13.37 -15.01 -16.01
C SER A 19 13.81 -14.18 -14.79
N GLY A 20 14.03 -14.87 -13.67
CA GLY A 20 14.62 -14.24 -12.49
C GLY A 20 13.64 -13.62 -11.51
N ASN A 21 12.33 -13.66 -11.79
CA ASN A 21 11.32 -13.05 -10.93
C ASN A 21 10.15 -14.01 -10.76
N PHE A 22 9.46 -13.89 -9.62
CA PHE A 22 8.18 -14.54 -9.38
C PHE A 22 7.03 -13.58 -9.63
N TYR A 23 5.95 -14.08 -10.22
CA TYR A 23 4.76 -13.28 -10.52
C TYR A 23 3.53 -13.93 -9.91
N TYR A 24 2.65 -13.13 -9.36
CA TYR A 24 1.41 -13.63 -8.76
C TYR A 24 0.27 -13.01 -9.57
N PHE A 25 -0.40 -13.83 -10.35
CA PHE A 25 -1.59 -13.43 -11.10
C PHE A 25 -2.82 -13.70 -10.24
N SER A 26 -3.54 -12.65 -9.86
CA SER A 26 -4.53 -12.86 -8.79
C SER A 26 -5.78 -13.57 -9.28
N ARG A 27 -6.52 -14.13 -8.32
CA ARG A 27 -7.75 -14.83 -8.63
C ARG A 27 -8.98 -13.99 -8.36
N THR A 28 -8.83 -12.95 -7.55
CA THR A 28 -9.91 -12.04 -7.20
C THR A 28 -9.53 -10.61 -7.56
N PRO A 29 -10.53 -9.77 -7.88
CA PRO A 29 -10.23 -8.39 -8.27
C PRO A 29 -10.16 -7.49 -7.05
N LYS A 30 -9.38 -6.42 -7.19
CA LYS A 30 -9.17 -5.47 -6.08
C LYS A 30 -8.97 -4.10 -6.67
N THR A 31 -9.19 -3.06 -5.85
CA THR A 31 -8.71 -1.76 -6.26
C THR A 31 -7.20 -1.80 -6.36
N TRP A 32 -6.63 -0.77 -7.03
CA TRP A 32 -5.18 -0.72 -7.17
C TRP A 32 -4.52 -0.66 -5.80
N TYR A 33 -5.09 0.14 -4.89
CA TYR A 33 -4.49 0.32 -3.56
C TYR A 33 -4.52 -0.98 -2.76
N SER A 34 -5.65 -1.66 -2.80
CA SER A 34 -5.76 -2.91 -2.07
C SER A 34 -4.90 -3.99 -2.73
N ALA A 35 -4.77 -3.95 -4.05
CA ALA A 35 -3.89 -4.92 -4.71
C ALA A 35 -2.44 -4.69 -4.30
N GLU A 36 -2.00 -3.43 -4.24
CA GLU A 36 -0.63 -3.13 -3.84
C GLU A 36 -0.37 -3.56 -2.40
N GLN A 37 -1.35 -3.34 -1.51
CA GLN A 37 -1.17 -3.78 -0.14
C GLN A 37 -1.13 -5.29 -0.04
N PHE A 38 -1.88 -5.99 -0.88
CA PHE A 38 -1.76 -7.44 -0.92
C PHE A 38 -0.35 -7.86 -1.36
N CYS A 39 0.17 -7.25 -2.43
CA CYS A 39 1.52 -7.60 -2.86
C CYS A 39 2.52 -7.35 -1.74
N ILE A 40 2.39 -6.21 -1.05
CA ILE A 40 3.30 -5.89 0.06
C ILE A 40 3.24 -6.98 1.13
N SER A 41 2.03 -7.46 1.45
CA SER A 41 1.90 -8.50 2.48
C SER A 41 2.62 -9.79 2.07
N ARG A 42 2.86 -10.00 0.77
CA ARG A 42 3.65 -11.13 0.27
C ARG A 42 5.11 -10.73 -0.08
N LYS A 43 5.63 -9.67 0.53
CA LYS A 43 6.99 -9.17 0.28
C LYS A 43 7.23 -8.87 -1.20
N ALA A 44 6.24 -8.26 -1.83
CA ALA A 44 6.21 -8.06 -3.27
C ALA A 44 5.66 -6.66 -3.53
N HIS A 45 5.54 -6.31 -4.81
CA HIS A 45 4.90 -5.07 -5.26
C HIS A 45 4.11 -5.40 -6.51
N LEU A 46 3.11 -4.55 -6.84
CA LEU A 46 2.54 -4.64 -8.17
C LEU A 46 3.65 -4.55 -9.21
N THR A 47 3.56 -5.36 -10.28
CA THR A 47 4.73 -5.58 -11.15
C THR A 47 5.15 -4.30 -11.89
N SER A 48 6.47 -4.10 -11.98
CA SER A 48 7.07 -3.23 -12.96
C SER A 48 7.31 -4.00 -14.26
N VAL A 49 7.65 -3.26 -15.31
CA VAL A 49 7.89 -3.81 -16.66
C VAL A 49 9.12 -3.13 -17.20
N SER A 50 10.20 -3.87 -17.37
N SER A 50 10.20 -3.88 -17.39
CA SER A 50 11.45 -3.26 -17.80
CA SER A 50 11.47 -3.30 -17.77
C SER A 50 11.92 -3.66 -19.19
C SER A 50 12.05 -3.85 -19.06
N SER A 51 11.28 -4.62 -19.84
CA SER A 51 11.78 -5.09 -21.12
C SER A 51 10.63 -5.55 -21.99
N GLU A 52 10.89 -5.70 -23.30
N GLU A 52 10.91 -5.67 -23.30
CA GLU A 52 9.85 -6.20 -24.18
CA GLU A 52 9.92 -6.22 -24.23
C GLU A 52 9.52 -7.67 -23.92
C GLU A 52 9.52 -7.64 -23.84
N SER A 53 10.50 -8.48 -23.50
CA SER A 53 10.18 -9.88 -23.19
C SER A 53 9.33 -10.00 -21.92
N GLU A 54 9.57 -9.16 -20.92
CA GLU A 54 8.71 -9.15 -19.74
C GLU A 54 7.29 -8.68 -20.12
N GLN A 55 7.19 -7.59 -20.89
CA GLN A 55 5.88 -7.12 -21.37
C GLN A 55 5.12 -8.22 -22.10
N LYS A 56 5.82 -8.98 -22.96
CA LYS A 56 5.17 -10.05 -23.72
C LYS A 56 4.73 -11.17 -22.79
N PHE A 57 5.58 -11.55 -21.82
CA PHE A 57 5.17 -12.55 -20.84
C PHE A 57 3.87 -12.12 -20.14
N LEU A 58 3.81 -10.85 -19.73
CA LEU A 58 2.67 -10.36 -18.95
C LEU A 58 1.40 -10.31 -19.77
N TYR A 59 1.48 -9.76 -20.98
CA TYR A 59 0.24 -9.62 -21.74
C TYR A 59 -0.27 -10.97 -22.21
N LYS A 60 0.62 -11.92 -22.52
CA LYS A 60 0.14 -13.25 -22.89
C LYS A 60 -0.58 -13.90 -21.72
N ALA A 61 0.01 -13.84 -20.52
CA ALA A 61 -0.63 -14.45 -19.36
C ALA A 61 -1.91 -13.71 -18.94
N ALA A 62 -1.98 -12.39 -19.14
CA ALA A 62 -3.17 -11.64 -18.74
C ALA A 62 -4.38 -11.94 -19.61
N ASP A 63 -4.16 -12.46 -20.82
CA ASP A 63 -5.22 -13.05 -21.66
C ASP A 63 -6.34 -12.06 -22.01
N GLY A 64 -6.01 -10.76 -22.12
CA GLY A 64 -7.02 -9.79 -22.51
C GLY A 64 -7.88 -9.29 -21.38
N ILE A 65 -7.58 -9.72 -20.16
CA ILE A 65 -8.34 -9.33 -18.97
C ILE A 65 -7.60 -8.19 -18.30
N PRO A 66 -8.27 -7.11 -17.89
CA PRO A 66 -7.54 -6.03 -17.22
C PRO A 66 -6.84 -6.53 -15.97
N HIS A 67 -5.58 -6.13 -15.82
CA HIS A 67 -4.76 -6.51 -14.66
C HIS A 67 -4.00 -5.27 -14.21
N TRP A 68 -4.15 -4.89 -12.94
CA TRP A 68 -3.31 -3.82 -12.42
C TRP A 68 -1.83 -4.16 -12.51
N ILE A 69 -1.02 -3.15 -12.83
CA ILE A 69 0.43 -3.23 -12.70
C ILE A 69 0.90 -2.05 -11.86
N GLY A 70 2.19 -2.03 -11.57
CA GLY A 70 2.67 -1.14 -10.53
C GLY A 70 3.04 0.27 -10.93
N LEU A 71 2.40 0.81 -11.96
CA LEU A 71 2.69 2.15 -12.46
C LEU A 71 1.59 3.09 -11.99
N THR A 72 1.97 4.24 -11.43
CA THR A 72 0.99 5.20 -10.97
C THR A 72 1.54 6.63 -11.07
N LYS A 73 0.66 7.61 -10.94
CA LYS A 73 1.09 8.98 -10.74
C LYS A 73 0.15 9.60 -9.73
N ALA A 74 0.72 10.41 -8.82
CA ALA A 74 -0.03 11.05 -7.76
C ALA A 74 -0.76 12.25 -8.35
N GLY A 75 -2.09 12.19 -8.40
CA GLY A 75 -2.86 13.19 -9.10
C GLY A 75 -2.65 13.18 -10.60
N SER A 76 -3.55 13.85 -11.33
CA SER A 76 -3.53 13.86 -12.80
C SER A 76 -2.27 14.53 -13.32
N GLU A 77 -1.45 15.05 -12.41
CA GLU A 77 -0.36 15.92 -12.81
C GLU A 77 1.04 15.45 -12.44
N GLY A 78 1.20 14.43 -11.61
CA GLY A 78 2.55 13.94 -11.35
C GLY A 78 3.12 13.17 -12.53
N ASP A 79 4.45 12.98 -12.52
CA ASP A 79 5.10 12.02 -13.42
C ASP A 79 4.70 10.61 -13.03
N TRP A 80 4.73 9.69 -14.00
CA TRP A 80 4.48 8.29 -13.70
C TRP A 80 5.70 7.71 -12.99
N TYR A 81 5.46 6.74 -12.11
CA TYR A 81 6.57 6.04 -11.47
C TYR A 81 6.15 4.62 -11.10
N TRP A 82 7.16 3.75 -10.92
CA TRP A 82 6.98 2.37 -10.49
C TRP A 82 6.98 2.28 -8.96
N VAL A 83 5.99 1.57 -8.40
CA VAL A 83 5.95 1.49 -6.95
C VAL A 83 7.10 0.67 -6.37
N ASP A 84 7.74 -0.20 -7.17
CA ASP A 84 8.88 -0.93 -6.62
C ASP A 84 10.16 -0.12 -6.70
N GLN A 85 10.03 1.14 -7.09
CA GLN A 85 11.07 2.15 -7.16
C GLN A 85 12.11 1.86 -8.22
N THR A 86 11.82 0.97 -9.16
CA THR A 86 12.75 0.92 -10.26
C THR A 86 12.48 2.09 -11.21
N SER A 87 13.50 2.41 -12.02
CA SER A 87 13.42 3.65 -12.78
C SER A 87 12.44 3.50 -13.94
N PHE A 88 11.68 4.55 -14.21
CA PHE A 88 10.65 4.48 -15.24
C PHE A 88 11.23 5.02 -16.55
N ASN A 89 11.24 4.18 -17.58
CA ASN A 89 11.88 4.49 -18.85
C ASN A 89 10.79 5.00 -19.77
N LYS A 90 10.62 6.33 -19.79
N LYS A 90 10.61 6.33 -19.76
CA LYS A 90 9.51 6.95 -20.50
CA LYS A 90 9.53 7.00 -20.51
C LYS A 90 9.54 6.61 -21.99
C LYS A 90 9.55 6.61 -21.98
N GLU A 91 10.73 6.71 -22.60
CA GLU A 91 10.86 6.40 -24.03
C GLU A 91 10.46 4.97 -24.33
N GLN A 92 10.92 4.01 -23.53
CA GLN A 92 10.52 2.63 -23.74
C GLN A 92 9.00 2.48 -23.63
N SER A 93 8.40 3.18 -22.65
CA SER A 93 6.96 3.05 -22.38
C SER A 93 6.11 3.33 -23.60
N ARG A 94 6.58 4.16 -24.54
N ARG A 94 6.60 4.17 -24.53
CA ARG A 94 5.72 4.52 -25.66
CA ARG A 94 5.82 4.50 -25.72
C ARG A 94 5.39 3.32 -26.53
C ARG A 94 5.49 3.27 -26.54
N ARG A 95 6.19 2.27 -26.47
N ARG A 95 6.28 2.21 -26.42
CA ARG A 95 5.88 1.03 -27.17
CA ARG A 95 5.96 0.96 -27.09
C ARG A 95 4.90 0.15 -26.40
C ARG A 95 4.76 0.27 -26.47
N PHE A 96 4.47 0.54 -25.19
CA PHE A 96 3.59 -0.27 -24.38
C PHE A 96 2.24 0.35 -24.08
N TRP A 97 2.10 1.67 -24.16
CA TRP A 97 0.79 2.29 -24.00
C TRP A 97 -0.13 1.94 -25.19
N ILE A 98 -1.41 1.74 -24.89
CA ILE A 98 -2.42 1.65 -25.95
C ILE A 98 -2.41 2.94 -26.77
N PRO A 99 -2.58 2.90 -28.09
CA PRO A 99 -2.51 4.14 -28.88
C PRO A 99 -3.56 5.14 -28.40
N GLY A 100 -3.13 6.39 -28.19
CA GLY A 100 -3.96 7.42 -27.60
C GLY A 100 -3.70 7.68 -26.13
N GLU A 101 -2.92 6.83 -25.47
CA GLU A 101 -2.72 6.88 -24.02
C GLU A 101 -1.30 7.31 -23.65
N PRO A 102 -1.09 7.81 -22.41
CA PRO A 102 -2.09 8.06 -21.36
C PRO A 102 -2.77 9.41 -21.48
N ASN A 108 -9.22 11.48 -11.64
CA ASN A 108 -8.61 12.01 -10.42
C ASN A 108 -7.47 11.14 -9.85
N GLU A 109 -7.68 9.83 -9.86
CA GLU A 109 -6.65 8.86 -9.48
C GLU A 109 -6.15 8.17 -10.75
N HIS A 110 -4.83 8.06 -10.93
CA HIS A 110 -4.26 7.45 -12.15
C HIS A 110 -3.39 6.24 -11.84
N CYS A 111 -3.77 5.08 -12.39
CA CYS A 111 -3.09 3.79 -12.21
C CYS A 111 -3.10 3.04 -13.54
N ALA A 112 -1.99 2.36 -13.88
CA ALA A 112 -1.92 1.65 -15.15
C ALA A 112 -2.41 0.22 -14.99
N ASN A 113 -3.12 -0.28 -16.01
CA ASN A 113 -3.47 -1.70 -16.08
C ASN A 113 -3.17 -2.22 -17.48
N ILE A 114 -2.75 -3.48 -17.56
CA ILE A 114 -2.58 -4.15 -18.85
C ILE A 114 -3.92 -4.72 -19.25
N ARG A 115 -4.40 -4.40 -20.45
CA ARG A 115 -5.75 -4.85 -20.74
C ARG A 115 -5.97 -5.28 -22.18
N VAL A 116 -4.90 -5.55 -22.93
CA VAL A 116 -5.02 -6.03 -24.31
C VAL A 116 -4.01 -7.15 -24.47
N SER A 117 -4.35 -8.13 -25.31
N SER A 117 -4.36 -8.16 -25.26
CA SER A 117 -3.43 -9.21 -25.67
CA SER A 117 -3.37 -9.21 -25.57
C SER A 117 -2.50 -8.76 -26.79
C SER A 117 -2.51 -8.77 -26.76
N ALA A 118 -1.68 -7.76 -26.48
CA ALA A 118 -0.82 -7.12 -27.45
C ALA A 118 0.25 -6.33 -26.72
N LEU A 119 1.34 -6.03 -27.45
CA LEU A 119 2.42 -5.21 -26.90
C LEU A 119 1.92 -3.86 -26.44
N LYS A 120 1.08 -3.20 -27.25
CA LYS A 120 0.47 -1.95 -26.84
C LYS A 120 -0.77 -2.26 -26.01
N SER A 121 -0.60 -2.31 -24.67
CA SER A 121 -1.67 -2.81 -23.83
C SER A 121 -1.88 -2.06 -22.51
N TRP A 122 -1.08 -1.03 -22.19
CA TRP A 122 -1.24 -0.30 -20.94
C TRP A 122 -2.35 0.76 -21.07
N ASN A 123 -3.23 0.80 -20.08
CA ASN A 123 -4.34 1.73 -19.95
C ASN A 123 -4.18 2.55 -18.68
N ASP A 124 -4.55 3.82 -18.73
CA ASP A 124 -4.55 4.69 -17.55
C ASP A 124 -5.96 4.71 -17.00
N GLY A 125 -6.15 4.08 -15.85
CA GLY A 125 -7.49 3.89 -15.30
C GLY A 125 -7.64 4.35 -13.86
N PRO A 126 -8.87 4.61 -13.43
CA PRO A 126 -9.09 5.08 -12.05
C PRO A 126 -8.71 4.02 -11.03
N CYS A 127 -7.87 4.42 -10.07
CA CYS A 127 -7.31 3.48 -9.10
C CYS A 127 -8.38 2.74 -8.28
N ASP A 128 -9.58 3.30 -8.14
N ASP A 128 -9.58 3.31 -8.12
CA ASP A 128 -10.64 2.66 -7.39
CA ASP A 128 -10.65 2.65 -7.38
C ASP A 128 -11.51 1.72 -8.24
C ASP A 128 -11.31 1.50 -8.15
N ASN A 129 -11.06 1.39 -9.45
CA ASN A 129 -11.68 0.30 -10.23
C ASN A 129 -11.23 -1.03 -9.66
N THR A 130 -12.08 -2.07 -9.74
CA THR A 130 -11.68 -3.38 -9.20
C THR A 130 -11.28 -4.32 -10.35
N PHE A 131 -9.98 -4.67 -10.42
CA PHE A 131 -9.45 -5.52 -11.48
C PHE A 131 -8.61 -6.63 -10.84
N LEU A 132 -8.38 -7.70 -11.61
CA LEU A 132 -7.31 -8.62 -11.24
C LEU A 132 -5.99 -7.86 -11.24
N PHE A 133 -4.95 -8.47 -10.65
CA PHE A 133 -3.68 -7.75 -10.51
C PHE A 133 -2.52 -8.71 -10.63
N ILE A 134 -1.31 -8.14 -10.73
CA ILE A 134 -0.07 -8.93 -10.91
C ILE A 134 0.97 -8.40 -9.94
N CYS A 135 1.37 -9.23 -8.99
CA CYS A 135 2.53 -8.92 -8.15
C CYS A 135 3.81 -9.47 -8.77
N LYS A 136 4.94 -8.86 -8.39
CA LYS A 136 6.28 -9.30 -8.77
C LYS A 136 7.17 -9.29 -7.54
N ARG A 137 7.95 -10.35 -7.38
CA ARG A 137 8.96 -10.45 -6.32
C ARG A 137 10.21 -11.01 -7.00
N PRO A 138 11.32 -10.30 -6.97
CA PRO A 138 12.57 -10.86 -7.52
C PRO A 138 13.03 -12.13 -6.79
N TYR A 139 13.61 -13.07 -7.54
CA TYR A 139 14.21 -14.22 -6.88
C TYR A 139 15.60 -13.82 -6.39
N VAL A 140 15.85 -14.03 -5.10
CA VAL A 140 17.13 -13.73 -4.49
C VAL A 140 17.65 -14.99 -3.83
N GLN A 141 18.86 -15.38 -4.18
CA GLN A 141 19.35 -16.69 -3.79
C GLN A 141 20.42 -16.58 -2.73
N SER B 1 17.28 23.57 16.68
CA SER B 1 17.59 24.62 15.70
C SER B 1 17.45 24.06 14.29
N HIS B 2 18.33 23.11 13.94
CA HIS B 2 18.10 22.34 12.71
C HIS B 2 16.86 21.46 12.87
N MET B 3 16.71 20.80 14.02
CA MET B 3 15.42 20.19 14.33
C MET B 3 14.30 21.22 14.29
N GLN B 4 14.53 22.43 14.84
CA GLN B 4 13.47 23.43 14.87
C GLN B 4 13.04 23.85 13.46
N SER B 5 14.00 23.99 12.54
CA SER B 5 13.57 24.43 11.20
C SER B 5 12.96 23.28 10.39
N ASP B 6 13.40 22.04 10.62
CA ASP B 6 12.74 20.88 10.04
C ASP B 6 11.30 20.77 10.54
N ILE B 7 11.07 21.06 11.83
N ILE B 7 11.07 21.02 11.83
CA ILE B 7 9.70 21.03 12.36
CA ILE B 7 9.70 21.01 12.34
C ILE B 7 8.85 22.09 11.67
C ILE B 7 8.87 22.07 11.64
N LEU B 8 9.40 23.28 11.47
CA LEU B 8 8.64 24.35 10.81
C LEU B 8 8.26 23.98 9.39
N GLU B 9 9.16 23.28 8.67
CA GLU B 9 8.88 22.86 7.30
C GLU B 9 7.74 21.86 7.26
N MET B 10 7.75 20.90 8.17
CA MET B 10 6.70 19.87 8.18
C MET B 10 5.37 20.45 8.67
N VAL B 11 5.41 21.37 9.64
CA VAL B 11 4.15 21.95 10.13
C VAL B 11 3.42 22.66 9.01
N ALA B 12 4.16 23.37 8.15
CA ALA B 12 3.54 24.06 7.02
C ALA B 12 2.95 23.11 5.98
N ARG B 13 3.39 21.86 5.97
N ARG B 13 3.38 21.85 5.97
CA ARG B 13 2.86 20.84 5.08
CA ARG B 13 2.80 20.86 5.05
C ARG B 13 1.74 20.02 5.73
C ARG B 13 1.66 20.09 5.68
N GLY B 14 1.29 20.43 6.92
CA GLY B 14 0.16 19.81 7.58
C GLY B 14 0.47 18.74 8.62
N TRP B 15 1.74 18.60 9.03
CA TRP B 15 2.16 17.61 10.02
C TRP B 15 2.20 18.20 11.42
N LYS B 16 1.99 17.34 12.43
CA LYS B 16 2.19 17.66 13.84
C LYS B 16 3.45 16.94 14.34
N TYR B 17 4.22 17.59 15.20
CA TYR B 17 5.40 16.97 15.79
C TYR B 17 5.09 16.53 17.22
N PHE B 18 5.48 15.30 17.55
CA PHE B 18 5.27 14.77 18.89
C PHE B 18 6.30 13.69 19.17
N SER B 19 7.12 13.91 20.21
CA SER B 19 8.01 12.87 20.75
C SER B 19 8.84 12.20 19.66
N GLY B 20 9.47 13.03 18.82
CA GLY B 20 10.40 12.54 17.82
C GLY B 20 9.76 11.97 16.57
N ASN B 21 8.45 12.09 16.41
CA ASN B 21 7.79 11.63 15.19
C ASN B 21 6.94 12.75 14.61
N PHE B 22 6.75 12.71 13.30
CA PHE B 22 5.76 13.58 12.65
C PHE B 22 4.50 12.80 12.36
N TYR B 23 3.35 13.47 12.52
CA TYR B 23 2.06 12.84 12.32
C TYR B 23 1.24 13.66 11.34
N TYR B 24 0.55 12.97 10.44
CA TYR B 24 -0.29 13.66 9.45
C TYR B 24 -1.73 13.22 9.68
N PHE B 25 -2.57 14.15 10.13
CA PHE B 25 -3.99 13.91 10.31
C PHE B 25 -4.68 14.42 9.06
N SER B 26 -5.35 13.53 8.33
CA SER B 26 -5.75 13.90 6.98
C SER B 26 -6.96 14.83 6.98
N ARG B 27 -7.10 15.55 5.87
N ARG B 27 -7.10 15.57 5.89
CA ARG B 27 -8.21 16.45 5.62
CA ARG B 27 -8.29 16.39 5.71
C ARG B 27 -9.35 15.78 4.87
C ARG B 27 -9.43 15.60 5.09
N THR B 28 -9.12 14.62 4.25
CA THR B 28 -10.16 13.89 3.53
C THR B 28 -10.14 12.40 3.87
N PRO B 29 -11.29 11.75 3.74
CA PRO B 29 -11.39 10.32 4.06
C PRO B 29 -10.98 9.43 2.90
N LYS B 30 -10.46 8.26 3.28
CA LYS B 30 -9.99 7.25 2.33
C LYS B 30 -10.25 5.87 2.91
N THR B 31 -10.28 4.85 2.04
CA THR B 31 -10.24 3.49 2.54
C THR B 31 -8.92 3.28 3.26
N TRP B 32 -8.86 2.22 4.06
CA TRP B 32 -7.60 1.94 4.77
C TRP B 32 -6.46 1.73 3.77
N TYR B 33 -6.73 1.00 2.67
CA TYR B 33 -5.68 0.71 1.69
C TYR B 33 -5.20 1.97 1.00
N SER B 34 -6.14 2.83 0.59
CA SER B 34 -5.76 4.05 -0.09
C SER B 34 -5.01 4.98 0.86
N ALA B 35 -5.42 5.02 2.12
CA ALA B 35 -4.72 5.86 3.09
C ALA B 35 -3.30 5.36 3.31
N GLU B 36 -3.10 4.04 3.39
CA GLU B 36 -1.73 3.55 3.57
C GLU B 36 -0.89 3.91 2.35
N GLN B 37 -1.46 3.77 1.13
CA GLN B 37 -0.69 4.16 -0.03
C GLN B 37 -0.39 5.65 -0.02
N PHE B 38 -1.32 6.49 0.48
CA PHE B 38 -1.01 7.91 0.60
C PHE B 38 0.14 8.15 1.58
N CYS B 39 0.10 7.46 2.73
CA CYS B 39 1.21 7.64 3.67
C CYS B 39 2.53 7.21 3.03
N ILE B 40 2.53 6.09 2.29
CA ILE B 40 3.76 5.67 1.63
C ILE B 40 4.25 6.76 0.68
N SER B 41 3.33 7.38 -0.06
N SER B 41 3.34 7.41 -0.04
CA SER B 41 3.75 8.40 -1.02
CA SER B 41 3.79 8.48 -0.91
C SER B 41 4.43 9.57 -0.34
C SER B 41 4.33 9.68 -0.16
N ARG B 42 4.25 9.73 0.97
N ARG B 42 4.14 9.72 1.16
CA ARG B 42 4.87 10.80 1.73
CA ARG B 42 4.71 10.78 1.99
C ARG B 42 5.96 10.28 2.66
C ARG B 42 5.87 10.25 2.84
N LYS B 43 6.57 9.13 2.31
N LYS B 43 6.53 9.19 2.39
CA LYS B 43 7.64 8.48 3.08
CA LYS B 43 7.64 8.55 3.11
C LYS B 43 7.21 8.21 4.52
C LYS B 43 7.23 8.17 4.53
N ALA B 44 6.02 7.65 4.67
CA ALA B 44 5.41 7.39 5.97
C ALA B 44 4.63 6.08 5.89
N HIS B 45 3.91 5.80 6.98
CA HIS B 45 2.99 4.68 7.11
C HIS B 45 1.83 5.16 7.97
N LEU B 46 0.67 4.50 7.83
CA LEU B 46 -0.36 4.68 8.84
C LEU B 46 0.25 4.41 10.21
N THR B 47 -0.13 5.24 11.20
CA THR B 47 0.60 5.25 12.47
C THR B 47 0.45 3.92 13.25
N SER B 48 1.56 3.46 13.85
CA SER B 48 1.48 2.49 14.91
C SER B 48 1.26 3.22 16.24
N VAL B 49 0.98 2.46 17.30
CA VAL B 49 0.76 2.99 18.65
C VAL B 49 1.64 2.17 19.56
N SER B 50 2.73 2.75 20.03
N SER B 50 2.74 2.76 20.02
CA SER B 50 3.76 1.97 20.70
CA SER B 50 3.81 2.01 20.68
C SER B 50 3.76 2.11 22.20
C SER B 50 3.90 2.25 22.17
N SER B 51 3.02 3.06 22.75
CA SER B 51 3.03 3.33 24.19
C SER B 51 1.69 3.95 24.56
N GLU B 52 1.39 4.00 25.87
CA GLU B 52 0.18 4.70 26.29
C GLU B 52 0.30 6.19 25.98
N SER B 53 1.50 6.75 26.14
CA SER B 53 1.69 8.17 25.84
C SER B 53 1.33 8.48 24.39
N GLU B 54 1.76 7.64 23.45
CA GLU B 54 1.43 7.88 22.05
C GLU B 54 -0.07 7.74 21.82
N GLN B 55 -0.69 6.73 22.44
CA GLN B 55 -2.15 6.56 22.30
C GLN B 55 -2.90 7.79 22.80
N LYS B 56 -2.46 8.37 23.94
CA LYS B 56 -3.13 9.57 24.44
C LYS B 56 -3.00 10.77 23.50
N PHE B 57 -1.84 10.93 22.87
CA PHE B 57 -1.70 12.02 21.91
C PHE B 57 -2.63 11.80 20.72
N LEU B 58 -2.64 10.57 20.22
CA LEU B 58 -3.47 10.28 19.05
C LEU B 58 -4.96 10.45 19.34
N TYR B 59 -5.44 9.97 20.50
CA TYR B 59 -6.88 9.96 20.66
C TYR B 59 -7.38 11.38 20.91
N LYS B 60 -6.59 12.18 21.61
CA LYS B 60 -6.95 13.59 21.83
C LYS B 60 -7.00 14.35 20.51
N ALA B 61 -6.01 14.13 19.65
CA ALA B 61 -5.98 14.81 18.36
C ALA B 61 -7.10 14.29 17.44
N ALA B 62 -7.45 13.02 17.54
CA ALA B 62 -8.50 12.48 16.66
C ALA B 62 -9.87 13.05 16.99
N ASP B 63 -10.06 13.51 18.24
CA ASP B 63 -11.20 14.34 18.62
C ASP B 63 -12.53 13.60 18.44
N GLY B 64 -12.53 12.28 18.69
CA GLY B 64 -13.76 11.53 18.58
C GLY B 64 -14.29 11.34 17.18
N ILE B 65 -13.48 11.60 16.15
CA ILE B 65 -13.80 11.34 14.74
C ILE B 65 -13.02 10.10 14.30
N PRO B 66 -13.66 9.13 13.64
CA PRO B 66 -12.91 7.93 13.26
C PRO B 66 -11.71 8.26 12.39
N HIS B 67 -10.56 7.71 12.76
CA HIS B 67 -9.30 7.90 12.04
C HIS B 67 -8.64 6.53 11.88
N TRP B 68 -8.34 6.13 10.65
CA TRP B 68 -7.59 4.89 10.45
C TRP B 68 -6.22 4.96 11.12
N ILE B 69 -5.79 3.84 11.71
CA ILE B 69 -4.41 3.72 12.15
C ILE B 69 -3.83 2.50 11.43
N GLY B 70 -2.56 2.16 11.65
CA GLY B 70 -1.94 1.20 10.76
C GLY B 70 -1.98 -0.24 11.19
N LEU B 71 -3.01 -0.64 11.94
CA LEU B 71 -3.20 -2.03 12.38
C LEU B 71 -4.19 -2.72 11.48
N THR B 72 -3.84 -3.91 11.01
CA THR B 72 -4.76 -4.64 10.13
C THR B 72 -4.63 -6.11 10.47
N LYS B 73 -5.69 -6.83 10.14
CA LYS B 73 -5.78 -8.26 10.37
C LYS B 73 -5.53 -8.94 9.03
N ALA B 74 -4.65 -9.92 9.06
CA ALA B 74 -4.26 -10.70 7.88
C ALA B 74 -5.45 -11.59 7.54
N GLY B 75 -6.44 -11.00 6.89
CA GLY B 75 -7.68 -11.69 6.67
C GLY B 75 -8.43 -11.99 7.97
N SER B 76 -9.65 -12.52 7.86
CA SER B 76 -10.53 -12.61 9.01
C SER B 76 -10.00 -13.54 10.10
N GLU B 77 -9.01 -14.38 9.78
CA GLU B 77 -8.55 -15.43 10.69
C GLU B 77 -7.12 -15.22 11.16
N GLY B 78 -6.44 -14.17 10.72
CA GLY B 78 -5.05 -13.97 11.11
C GLY B 78 -4.91 -13.17 12.40
N ASP B 79 -3.66 -12.89 12.75
CA ASP B 79 -3.35 -11.98 13.84
C ASP B 79 -3.28 -10.55 13.34
N TRP B 80 -3.43 -9.60 14.25
CA TRP B 80 -3.25 -8.19 13.92
C TRP B 80 -1.76 -7.85 13.85
N TYR B 81 -1.41 -6.91 12.96
CA TYR B 81 -0.03 -6.45 12.84
C TYR B 81 0.01 -5.01 12.36
N TRP B 82 1.14 -4.34 12.63
CA TRP B 82 1.40 -2.96 12.19
C TRP B 82 2.00 -2.93 10.80
N VAL B 83 1.43 -2.10 9.93
CA VAL B 83 1.96 -2.02 8.59
C VAL B 83 3.37 -1.38 8.57
N ASP B 84 3.76 -0.66 9.62
CA ASP B 84 5.11 -0.09 9.65
C ASP B 84 6.17 -1.08 10.14
N GLN B 85 5.79 -2.33 10.39
N GLN B 85 5.79 -2.33 10.39
CA GLN B 85 6.69 -3.42 10.72
CA GLN B 85 6.68 -3.44 10.72
C GLN B 85 7.35 -3.27 12.09
C GLN B 85 7.26 -3.37 12.13
N THR B 86 6.76 -2.49 12.98
CA THR B 86 7.04 -2.64 14.41
C THR B 86 6.22 -3.82 14.95
N SER B 87 6.71 -4.45 16.01
N SER B 87 6.72 -4.45 16.00
CA SER B 87 6.04 -5.63 16.55
CA SER B 87 6.03 -5.62 16.56
C SER B 87 4.80 -5.24 17.35
C SER B 87 4.78 -5.19 17.31
N PHE B 88 3.67 -5.89 17.05
CA PHE B 88 2.40 -5.59 17.71
C PHE B 88 2.35 -6.28 19.07
N ASN B 89 2.06 -5.49 20.12
CA ASN B 89 1.92 -5.94 21.51
C ASN B 89 0.45 -6.19 21.78
N LYS B 90 0.03 -7.45 21.61
CA LYS B 90 -1.40 -7.73 21.69
C LYS B 90 -1.89 -7.66 23.14
N GLU B 91 -1.01 -7.88 24.11
CA GLU B 91 -1.43 -7.81 25.51
C GLU B 91 -1.71 -6.39 25.94
N GLN B 92 -0.89 -5.44 25.51
CA GLN B 92 -1.16 -4.05 25.84
C GLN B 92 -2.40 -3.56 25.11
N SER B 93 -2.72 -4.16 23.97
CA SER B 93 -3.84 -3.64 23.20
C SER B 93 -5.16 -3.82 23.93
N ARG B 94 -5.19 -4.68 24.96
N ARG B 94 -5.19 -4.66 24.97
CA ARG B 94 -6.37 -4.78 25.82
CA ARG B 94 -6.40 -4.76 25.77
C ARG B 94 -6.74 -3.42 26.40
C ARG B 94 -6.73 -3.45 26.49
N ARG B 95 -5.75 -2.56 26.62
CA ARG B 95 -5.97 -1.23 27.16
C ARG B 95 -6.40 -0.23 26.09
N PHE B 96 -6.37 -0.61 24.79
CA PHE B 96 -6.67 0.33 23.71
C PHE B 96 -7.93 -0.02 22.92
N TRP B 97 -8.31 -1.31 22.83
CA TRP B 97 -9.55 -1.67 22.16
C TRP B 97 -10.75 -1.17 22.95
N ILE B 98 -11.73 -0.60 22.25
CA ILE B 98 -13.04 -0.38 22.87
C ILE B 98 -13.56 -1.72 23.38
N PRO B 99 -14.08 -1.83 24.61
CA PRO B 99 -14.48 -3.15 25.12
C PRO B 99 -15.44 -3.82 24.15
N GLY B 100 -15.26 -5.13 23.97
CA GLY B 100 -15.97 -5.86 22.94
C GLY B 100 -15.25 -5.89 21.60
N GLU B 101 -14.29 -5.00 21.39
CA GLU B 101 -13.50 -5.03 20.16
C GLU B 101 -12.22 -5.83 20.40
N PRO B 102 -11.64 -6.40 19.33
CA PRO B 102 -12.12 -6.39 17.94
C PRO B 102 -13.40 -7.22 17.82
N ASN B 103 -14.42 -6.69 17.13
CA ASN B 103 -15.71 -7.38 17.02
C ASN B 103 -15.64 -8.61 16.13
N ASN B 104 -14.75 -8.60 15.13
CA ASN B 104 -14.53 -9.76 14.25
C ASN B 104 -15.82 -10.24 13.57
N ASN B 108 -15.32 -10.03 6.52
CA ASN B 108 -14.76 -9.03 5.62
C ASN B 108 -13.26 -8.89 5.88
N GLU B 109 -12.68 -7.77 5.43
N GLU B 109 -12.68 -7.77 5.43
CA GLU B 109 -11.33 -7.38 5.82
CA GLU B 109 -11.35 -7.34 5.80
C GLU B 109 -11.43 -6.48 7.05
C GLU B 109 -11.43 -6.47 7.05
N HIS B 110 -10.37 -6.50 7.86
CA HIS B 110 -10.41 -5.92 9.20
C HIS B 110 -9.29 -4.93 9.41
N CYS B 111 -9.65 -3.73 9.84
CA CYS B 111 -8.71 -2.62 9.99
C CYS B 111 -9.08 -1.82 11.23
N ALA B 112 -8.09 -1.30 11.95
CA ALA B 112 -8.37 -0.57 13.19
C ALA B 112 -8.47 0.93 12.95
N ASN B 113 -9.43 1.57 13.63
CA ASN B 113 -9.54 3.01 13.62
C ASN B 113 -9.79 3.50 15.03
N ILE B 114 -9.25 4.66 15.33
CA ILE B 114 -9.51 5.33 16.61
C ILE B 114 -10.78 6.13 16.43
N ARG B 115 -11.72 5.98 17.35
CA ARG B 115 -12.98 6.68 17.16
C ARG B 115 -13.61 7.22 18.43
N VAL B 116 -12.99 7.06 19.59
CA VAL B 116 -13.52 7.76 20.75
C VAL B 116 -12.37 8.51 21.41
N SER B 117 -12.74 9.53 22.18
CA SER B 117 -11.75 10.37 22.85
C SER B 117 -11.44 9.80 24.24
N ALA B 118 -11.03 8.54 24.24
CA ALA B 118 -10.66 7.82 25.46
C ALA B 118 -9.48 6.89 25.17
N LEU B 119 -8.86 6.38 26.23
CA LEU B 119 -7.77 5.41 26.05
C LEU B 119 -8.24 4.18 25.28
N LYS B 120 -9.38 3.60 25.70
CA LYS B 120 -10.01 2.50 24.96
C LYS B 120 -10.80 3.12 23.83
N SER B 121 -10.14 3.22 22.67
CA SER B 121 -10.72 3.90 21.51
C SER B 121 -10.60 3.16 20.19
N TRP B 122 -9.95 1.99 20.11
CA TRP B 122 -9.83 1.33 18.80
C TRP B 122 -11.08 0.54 18.45
N ASN B 123 -11.51 0.68 17.21
CA ASN B 123 -12.63 -0.07 16.65
C ASN B 123 -12.11 -0.93 15.50
N ASP B 124 -12.67 -2.13 15.36
CA ASP B 124 -12.38 -3.01 14.22
C ASP B 124 -13.45 -2.74 13.17
N GLY B 125 -13.04 -2.15 12.04
CA GLY B 125 -13.97 -1.75 11.00
C GLY B 125 -13.59 -2.30 9.63
N PRO B 126 -14.58 -2.45 8.76
CA PRO B 126 -14.27 -2.91 7.40
C PRO B 126 -13.27 -1.98 6.72
N CYS B 127 -12.22 -2.57 6.14
CA CYS B 127 -11.15 -1.79 5.54
C CYS B 127 -11.62 -0.93 4.38
N ASP B 128 -12.75 -1.26 3.75
CA ASP B 128 -13.18 -0.42 2.64
C ASP B 128 -14.04 0.77 3.06
N ASN B 129 -14.27 0.98 4.36
CA ASN B 129 -14.90 2.23 4.82
C ASN B 129 -13.97 3.41 4.56
N THR B 130 -14.56 4.57 4.29
CA THR B 130 -13.78 5.78 4.02
C THR B 130 -13.77 6.64 5.28
N PHE B 131 -12.60 6.71 5.95
CA PHE B 131 -12.40 7.50 7.14
C PHE B 131 -11.20 8.43 6.98
N LEU B 132 -11.16 9.49 7.80
CA LEU B 132 -9.92 10.23 7.97
C LEU B 132 -8.86 9.26 8.46
N PHE B 133 -7.58 9.65 8.35
CA PHE B 133 -6.50 8.71 8.68
C PHE B 133 -5.32 9.47 9.28
N ILE B 134 -4.33 8.71 9.80
CA ILE B 134 -3.19 9.31 10.51
C ILE B 134 -1.89 8.63 10.05
N CYS B 135 -1.02 9.39 9.37
CA CYS B 135 0.31 8.88 9.02
C CYS B 135 1.29 9.24 10.13
N LYS B 136 2.35 8.44 10.22
CA LYS B 136 3.48 8.71 11.10
C LYS B 136 4.78 8.55 10.31
N ARG B 137 5.69 9.45 10.56
CA ARG B 137 7.01 9.30 9.95
C ARG B 137 8.07 9.75 10.96
N PRO B 138 9.01 8.88 11.30
CA PRO B 138 9.98 9.21 12.36
C PRO B 138 10.87 10.36 11.93
N TYR B 139 11.25 11.18 12.90
CA TYR B 139 12.14 12.30 12.60
C TYR B 139 13.58 11.80 12.54
N VAL B 140 14.20 11.93 11.37
CA VAL B 140 15.58 11.48 11.18
C VAL B 140 16.43 12.62 10.63
CL CL C . -6.01 -13.66 -5.23
CL CL D . -9.14 0.84 -1.83
CL CL E . -5.55 14.76 3.29
#